data_8S2A
#
_entry.id   8S2A
#
loop_
_entity.id
_entity.type
_entity.pdbx_description
1 polymer 'Xantholysin A'
2 non-polymer '(3~{R})-3-oxidanyldecanoic acid'
#
_entity_poly.entity_id   1
_entity_poly.type   'polypeptide(D)'
_entity_poly.pdbx_seq_one_letter_code
;L(DGL)(DGN)(DVA)(DLE)Q(DSN)(DVA)(DLE)(DGN)LL(DGN)I
;
_entity_poly.pdbx_strand_id   A
#
# COMPACT_ATOMS: atom_id res chain seq x y z
N LEU A 1 -0.62 -9.44 5.21
CA LEU A 1 -1.65 -9.22 4.17
C LEU A 1 -1.09 -8.74 2.86
N GLN A 6 0.25 -4.51 -1.00
CA GLN A 6 1.37 -3.78 -1.56
C GLN A 6 1.30 -2.28 -1.19
N LEU A 11 -0.69 3.32 -3.95
CA LEU A 11 -1.35 4.68 -3.96
C LEU A 11 -1.17 5.41 -2.57
N LEU A 12 -1.66 4.75 -1.50
CA LEU A 12 -1.60 5.16 -0.12
C LEU A 12 -0.14 5.34 0.40
N ILE A 14 1.74 3.75 2.35
CA ILE A 14 1.75 3.02 3.65
C ILE A 14 1.64 1.52 3.47
N LEU A 1 -0.23 -9.79 3.72
CA LEU A 1 -0.97 -9.15 2.62
C LEU A 1 -0.10 -8.14 1.86
N GLN A 6 0.42 -3.90 -0.22
CA GLN A 6 1.54 -3.26 -0.88
C GLN A 6 1.37 -1.76 -0.74
N LEU A 11 -1.12 2.32 -4.13
CA LEU A 11 -1.86 3.56 -4.21
C LEU A 11 -1.34 4.61 -3.21
N LEU A 12 -1.30 4.26 -1.94
CA LEU A 12 -0.88 5.25 -0.96
C LEU A 12 0.62 5.17 -0.68
N ILE A 14 2.17 4.11 1.84
CA ILE A 14 2.31 3.69 3.23
C ILE A 14 1.83 2.23 3.32
N LEU A 1 -0.29 -9.82 3.74
CA LEU A 1 -0.99 -9.14 2.65
C LEU A 1 -0.09 -8.13 1.91
N GLN A 6 0.44 -3.94 -0.15
CA GLN A 6 1.59 -3.31 -0.76
C GLN A 6 1.40 -1.81 -0.68
N LEU A 11 -1.08 2.42 -4.12
CA LEU A 11 -1.76 3.71 -4.18
C LEU A 11 -1.31 4.66 -3.07
N LEU A 12 -1.38 4.23 -1.84
CA LEU A 12 -1.03 5.12 -0.74
C LEU A 12 0.47 5.13 -0.52
N ILE A 14 2.27 4.15 1.80
CA ILE A 14 2.49 3.68 3.16
C ILE A 14 2.00 2.23 3.25
N LEU A 1 -0.63 -10.02 3.33
CA LEU A 1 -1.18 -9.11 2.32
C LEU A 1 -0.13 -8.13 1.77
N GLN A 6 0.63 -3.90 0.04
CA GLN A 6 1.78 -3.23 -0.50
C GLN A 6 1.56 -1.73 -0.36
N LEU A 11 -1.09 2.32 -3.99
CA LEU A 11 -1.94 3.48 -4.20
C LEU A 11 -1.66 4.60 -3.20
N LEU A 12 -1.66 4.30 -1.93
CA LEU A 12 -1.44 5.34 -0.93
C LEU A 12 0.05 5.63 -0.82
N ILE A 14 2.44 4.21 1.35
CA ILE A 14 2.92 3.40 2.45
C ILE A 14 2.44 1.97 2.25
N LEU A 1 -0.17 -9.87 3.79
CA LEU A 1 -0.92 -9.21 2.72
C LEU A 1 -0.06 -8.18 1.97
N GLN A 6 0.41 -3.93 -0.17
CA GLN A 6 1.55 -3.30 -0.79
C GLN A 6 1.35 -1.79 -0.68
N LEU A 11 -1.11 2.44 -4.14
CA LEU A 11 -1.78 3.72 -4.21
C LEU A 11 -1.28 4.71 -3.14
N LEU A 12 -1.27 4.31 -1.89
CA LEU A 12 -0.87 5.24 -0.85
C LEU A 12 0.65 5.18 -0.59
N ILE A 14 2.25 4.11 1.85
CA ILE A 14 2.40 3.65 3.23
C ILE A 14 1.87 2.22 3.31
N LEU A 1 -0.21 -9.92 3.75
CA LEU A 1 -0.93 -9.21 2.69
C LEU A 1 -0.05 -8.17 1.96
N GLN A 6 0.43 -3.93 -0.15
CA GLN A 6 1.57 -3.29 -0.78
C GLN A 6 1.37 -1.78 -0.68
N LEU A 11 -1.12 2.43 -4.15
CA LEU A 11 -1.80 3.71 -4.22
C LEU A 11 -1.31 4.70 -3.16
N LEU A 12 -1.29 4.32 -1.91
CA LEU A 12 -0.88 5.26 -0.88
C LEU A 12 0.62 5.18 -0.61
N ILE A 14 2.23 4.13 1.85
CA ILE A 14 2.39 3.70 3.22
C ILE A 14 1.89 2.25 3.31
N LEU A 1 -0.28 -10.02 3.67
CA LEU A 1 -0.99 -9.34 2.57
C LEU A 1 -0.11 -8.28 1.90
N GLN A 6 0.50 -3.93 -0.10
CA GLN A 6 1.66 -3.27 -0.64
C GLN A 6 1.46 -1.78 -0.46
N LEU A 11 -1.05 2.41 -3.96
CA LEU A 11 -1.88 3.59 -4.14
C LEU A 11 -1.58 4.69 -3.11
N LEU A 12 -1.58 4.35 -1.85
CA LEU A 12 -1.34 5.36 -0.83
C LEU A 12 0.16 5.61 -0.70
N ILE A 14 2.52 4.07 1.42
CA ILE A 14 2.98 3.21 2.50
C ILE A 14 2.44 1.81 2.26
N LEU A 1 -0.22 -9.89 3.72
CA LEU A 1 -0.99 -9.18 2.69
C LEU A 1 -0.12 -8.16 1.92
N GLN A 6 0.41 -3.90 -0.19
CA GLN A 6 1.54 -3.29 -0.86
C GLN A 6 1.39 -1.79 -0.73
N LEU A 11 -1.10 2.33 -4.14
CA LEU A 11 -1.85 3.58 -4.23
C LEU A 11 -1.35 4.61 -3.23
N LEU A 12 -1.31 4.28 -1.96
CA LEU A 12 -0.93 5.26 -0.97
C LEU A 12 0.59 5.19 -0.69
N ILE A 14 2.13 4.14 1.83
CA ILE A 14 2.28 3.72 3.21
C ILE A 14 1.83 2.26 3.30
N LEU A 1 -0.32 -9.74 3.72
CA LEU A 1 -1.03 -9.10 2.60
C LEU A 1 -0.14 -8.13 1.84
N GLN A 6 0.44 -3.92 -0.23
CA GLN A 6 1.57 -3.31 -0.88
C GLN A 6 1.42 -1.80 -0.74
N LEU A 11 -1.12 2.31 -4.12
CA LEU A 11 -1.87 3.55 -4.21
C LEU A 11 -1.38 4.60 -3.20
N LEU A 12 -1.35 4.26 -1.94
CA LEU A 12 -0.95 5.23 -0.94
C LEU A 12 0.55 5.18 -0.67
N ILE A 14 2.12 4.13 1.84
CA ILE A 14 2.27 3.72 3.23
C ILE A 14 1.85 2.25 3.31
N LEU A 1 -0.35 -9.81 3.69
CA LEU A 1 -1.07 -9.13 2.61
C LEU A 1 -0.16 -8.14 1.85
N GLN A 6 0.46 -3.93 -0.19
CA GLN A 6 1.57 -3.33 -0.87
C GLN A 6 1.45 -1.81 -0.73
N LEU A 11 -1.10 2.31 -4.15
CA LEU A 11 -1.86 3.55 -4.25
C LEU A 11 -1.39 4.60 -3.23
N LEU A 12 -1.38 4.26 -1.97
CA LEU A 12 -1.01 5.23 -0.95
C LEU A 12 0.48 5.21 -0.68
N ILE A 14 2.08 4.19 1.82
CA ILE A 14 2.25 3.76 3.20
C ILE A 14 1.85 2.29 3.29
N LEU A 1 -0.33 -9.88 3.75
CA LEU A 1 -1.05 -9.17 2.71
C LEU A 1 -0.16 -8.18 1.93
N GLN A 6 0.46 -3.93 -0.24
CA GLN A 6 1.60 -3.35 -0.92
C GLN A 6 1.49 -1.84 -0.78
N LEU A 11 -1.12 2.34 -4.16
CA LEU A 11 -1.87 3.58 -4.26
C LEU A 11 -1.43 4.61 -3.23
N LEU A 12 -1.42 4.24 -1.97
CA LEU A 12 -1.08 5.20 -0.93
C LEU A 12 0.42 5.21 -0.66
N ILE A 14 2.05 4.20 1.82
CA ILE A 14 2.23 3.77 3.20
C ILE A 14 1.88 2.28 3.28
#